data_7CR9
#
_entry.id   7CR9
#
_cell.length_a   32.830
_cell.length_b   58.296
_cell.length_c   198.492
_cell.angle_alpha   90.000
_cell.angle_beta   90.000
_cell.angle_gamma   90.000
#
_symmetry.space_group_name_H-M   'P 21 21 21'
#
loop_
_entity.id
_entity.type
_entity.pdbx_description
1 polymer 'Lon protease'
2 water water
#
_entity_poly.entity_id   1
_entity_poly.type   'polypeptide(L)'
_entity_poly.pdbx_seq_one_letter_code
;HMRLELPVIPLRNTVILPHTTTPVDVGRAKSKRAVEEAMGADRLIFLVAQRDPEVDDPAPDDLYTWGVQAVVKQAMRLPD
GTLQVMVEARARAQVTDYIPGPYLRARGEVFSEIFPIDEAVVRVLVEELKEAFEKYVANHKSLRLDRYQLEAVKGTSDPA
MLADTIAYHATWTVAEKQEILELTDLEARLKKVLGLLSRDLERFELD
;
_entity_poly.pdbx_strand_id   A,B
#
# COMPACT_ATOMS: atom_id res chain seq x y z
N HIS A 1 1.26 -30.92 9.00
CA HIS A 1 0.61 -30.82 7.69
C HIS A 1 -0.85 -31.23 7.79
N MET A 2 -1.74 -30.29 7.49
CA MET A 2 -3.17 -30.50 7.60
C MET A 2 -3.88 -30.01 6.35
N ARG A 3 -5.15 -30.38 6.24
CA ARG A 3 -6.05 -29.82 5.24
C ARG A 3 -7.32 -29.40 5.97
N LEU A 4 -7.70 -28.13 5.80
CA LEU A 4 -8.82 -27.56 6.53
C LEU A 4 -9.73 -26.79 5.59
N GLU A 5 -11.02 -26.81 5.89
CA GLU A 5 -12.03 -26.01 5.20
C GLU A 5 -12.45 -24.90 6.16
N LEU A 6 -12.05 -23.67 5.86
CA LEU A 6 -12.24 -22.56 6.76
C LEU A 6 -12.79 -21.35 6.02
N PRO A 7 -13.48 -20.47 6.73
CA PRO A 7 -13.80 -19.15 6.15
C PRO A 7 -12.53 -18.34 5.97
N VAL A 8 -12.58 -17.40 5.03
CA VAL A 8 -11.42 -16.60 4.66
C VAL A 8 -11.74 -15.13 4.91
N ILE A 9 -10.81 -14.44 5.55
CA ILE A 9 -10.90 -12.99 5.77
C ILE A 9 -9.89 -12.34 4.83
N PRO A 10 -10.32 -11.52 3.88
CA PRO A 10 -9.36 -10.76 3.07
C PRO A 10 -8.85 -9.56 3.83
N LEU A 11 -7.54 -9.32 3.72
CA LEU A 11 -6.90 -8.17 4.36
C LEU A 11 -6.52 -7.17 3.27
N ARG A 12 -7.00 -5.94 3.41
CA ARG A 12 -6.80 -4.93 2.37
C ARG A 12 -5.33 -4.62 2.17
N ASN A 13 -4.61 -4.32 3.25
CA ASN A 13 -3.27 -3.77 3.18
C ASN A 13 -2.39 -4.31 4.29
N THR A 14 -2.60 -5.57 4.67
CA THR A 14 -1.85 -6.19 5.75
C THR A 14 -1.52 -7.62 5.40
N VAL A 15 -0.31 -8.04 5.75
CA VAL A 15 0.10 -9.44 5.67
C VAL A 15 0.35 -9.93 7.10
N ILE A 16 -0.37 -10.97 7.49
CA ILE A 16 -0.18 -11.61 8.78
C ILE A 16 0.75 -12.80 8.57
N LEU A 17 1.79 -12.89 9.37
CA LEU A 17 2.72 -13.99 9.32
C LEU A 17 2.60 -14.87 10.56
N PRO A 18 2.97 -16.14 10.47
CA PRO A 18 2.86 -17.03 11.64
C PRO A 18 3.65 -16.49 12.83
N HIS A 19 3.26 -16.97 14.02
CA HIS A 19 3.86 -16.61 15.31
C HIS A 19 3.53 -15.19 15.74
N THR A 20 2.51 -14.57 15.13
CA THR A 20 2.09 -13.22 15.49
C THR A 20 0.65 -13.27 15.98
N THR A 21 0.38 -12.55 17.08
CA THR A 21 -0.97 -12.32 17.56
C THR A 21 -1.27 -10.83 17.48
N THR A 22 -2.30 -10.47 16.71
CA THR A 22 -2.55 -9.07 16.38
C THR A 22 -4.05 -8.84 16.32
N PRO A 23 -4.51 -7.63 16.64
CA PRO A 23 -5.92 -7.30 16.40
C PRO A 23 -6.16 -6.91 14.95
N VAL A 24 -7.27 -7.40 14.40
CA VAL A 24 -7.68 -7.11 13.03
C VAL A 24 -9.02 -6.39 13.08
N ASP A 25 -9.06 -5.18 12.55
CA ASP A 25 -10.32 -4.45 12.41
C ASP A 25 -11.07 -5.01 11.21
N VAL A 26 -12.33 -5.37 11.42
CA VAL A 26 -13.13 -6.08 10.43
C VAL A 26 -14.39 -5.26 10.19
N GLY A 27 -14.45 -4.57 9.05
CA GLY A 27 -15.58 -3.71 8.74
C GLY A 27 -16.57 -4.30 7.76
N ARG A 28 -16.10 -5.09 6.80
CA ARG A 28 -16.95 -5.56 5.71
C ARG A 28 -17.84 -6.70 6.17
N ALA A 29 -19.06 -6.72 5.63
CA ALA A 29 -20.08 -7.68 6.06
C ALA A 29 -19.64 -9.12 5.82
N LYS A 30 -19.05 -9.39 4.65
CA LYS A 30 -18.62 -10.75 4.34
C LYS A 30 -17.50 -11.22 5.25
N SER A 31 -16.58 -10.31 5.59
CA SER A 31 -15.54 -10.66 6.56
C SER A 31 -16.13 -10.94 7.93
N LYS A 32 -17.13 -10.16 8.33
CA LYS A 32 -17.78 -10.38 9.62
C LYS A 32 -18.49 -11.74 9.65
N ARG A 33 -19.17 -12.09 8.56
CA ARG A 33 -19.82 -13.40 8.50
C ARG A 33 -18.82 -14.54 8.54
N ALA A 34 -17.62 -14.32 7.99
CA ALA A 34 -16.55 -15.30 8.12
C ALA A 34 -16.09 -15.43 9.56
N VAL A 35 -16.06 -14.32 10.30
CA VAL A 35 -15.65 -14.36 11.70
C VAL A 35 -16.65 -15.13 12.54
N GLU A 36 -17.95 -14.93 12.29
CA GLU A 36 -18.94 -15.54 13.16
C GLU A 36 -19.08 -17.03 12.90
N GLU A 37 -18.83 -17.48 11.67
CA GLU A 37 -18.72 -18.92 11.45
C GLU A 37 -17.58 -19.51 12.27
N ALA A 38 -16.44 -18.85 12.28
CA ALA A 38 -15.31 -19.35 13.06
C ALA A 38 -15.64 -19.41 14.54
N MET A 39 -16.19 -18.32 15.09
CA MET A 39 -16.48 -18.30 16.51
C MET A 39 -17.59 -19.29 16.88
N GLY A 40 -18.50 -19.56 15.95
CA GLY A 40 -19.51 -20.57 16.17
C GLY A 40 -19.07 -22.00 15.92
N ALA A 41 -17.85 -22.19 15.44
CA ALA A 41 -17.35 -23.54 15.12
C ALA A 41 -16.04 -23.73 15.89
N ASP A 42 -14.95 -24.07 15.20
CA ASP A 42 -13.69 -24.37 15.84
C ASP A 42 -12.77 -23.16 15.94
N ARG A 43 -13.25 -21.97 15.55
CA ARG A 43 -12.52 -20.71 15.60
C ARG A 43 -11.26 -20.69 14.72
N LEU A 44 -11.14 -21.63 13.79
CA LEU A 44 -10.05 -21.58 12.83
C LEU A 44 -10.48 -20.78 11.61
N ILE A 45 -9.53 -20.07 11.02
CA ILE A 45 -9.84 -19.14 9.94
C ILE A 45 -8.60 -18.95 9.09
N PHE A 46 -8.81 -18.64 7.81
CA PHE A 46 -7.74 -18.26 6.91
C PHE A 46 -7.70 -16.75 6.77
N LEU A 47 -6.50 -16.19 6.79
CA LEU A 47 -6.27 -14.77 6.54
C LEU A 47 -5.41 -14.65 5.30
N VAL A 48 -5.89 -13.92 4.29
CA VAL A 48 -5.24 -13.83 3.00
C VAL A 48 -5.21 -12.37 2.58
N ALA A 49 -4.02 -11.88 2.20
CA ALA A 49 -3.87 -10.50 1.78
C ALA A 49 -4.44 -10.30 0.38
N GLN A 50 -5.04 -9.13 0.17
CA GLN A 50 -5.47 -8.73 -1.16
C GLN A 50 -4.29 -8.28 -2.00
N ARG A 51 -4.38 -8.49 -3.31
CA ARG A 51 -3.37 -7.98 -4.21
C ARG A 51 -3.51 -6.46 -4.39
N ASP A 52 -4.72 -5.94 -4.29
CA ASP A 52 -5.02 -4.53 -4.50
C ASP A 52 -5.84 -4.04 -3.31
N PRO A 53 -5.31 -3.12 -2.50
CA PRO A 53 -6.07 -2.66 -1.33
C PRO A 53 -7.39 -1.99 -1.66
N GLU A 54 -7.55 -1.45 -2.87
CA GLU A 54 -8.76 -0.70 -3.21
C GLU A 54 -9.92 -1.60 -3.60
N VAL A 55 -9.70 -2.90 -3.80
CA VAL A 55 -10.77 -3.80 -4.17
C VAL A 55 -11.70 -3.98 -2.97
N ASP A 56 -12.99 -3.68 -3.16
CA ASP A 56 -13.91 -3.65 -2.03
C ASP A 56 -14.43 -5.04 -1.68
N ASP A 57 -14.74 -5.87 -2.68
CA ASP A 57 -15.29 -7.21 -2.47
C ASP A 57 -14.47 -8.20 -3.27
N PRO A 58 -13.34 -8.65 -2.73
CA PRO A 58 -12.40 -9.45 -3.51
C PRO A 58 -12.95 -10.82 -3.88
N ALA A 59 -12.73 -11.20 -5.13
CA ALA A 59 -12.90 -12.57 -5.60
C ALA A 59 -11.61 -13.34 -5.38
N PRO A 60 -11.63 -14.67 -5.57
CA PRO A 60 -10.36 -15.42 -5.48
C PRO A 60 -9.21 -14.83 -6.28
N ASP A 61 -9.48 -14.32 -7.49
CA ASP A 61 -8.42 -13.73 -8.29
C ASP A 61 -7.84 -12.47 -7.64
N ASP A 62 -8.61 -11.79 -6.81
CA ASP A 62 -8.13 -10.59 -6.14
C ASP A 62 -7.24 -10.89 -4.93
N LEU A 63 -7.09 -12.15 -4.56
CA LEU A 63 -6.32 -12.53 -3.38
C LEU A 63 -5.05 -13.25 -3.77
N TYR A 64 -4.02 -13.10 -2.93
CA TYR A 64 -2.85 -13.94 -3.06
C TYR A 64 -3.21 -15.39 -2.76
N THR A 65 -2.39 -16.31 -3.24
CA THR A 65 -2.67 -17.73 -3.03
C THR A 65 -2.34 -18.15 -1.60
N TRP A 66 -1.25 -17.63 -1.04
CA TRP A 66 -0.79 -18.03 0.27
C TRP A 66 -1.28 -17.07 1.35
N GLY A 67 -1.71 -17.64 2.47
CA GLY A 67 -2.11 -16.87 3.63
C GLY A 67 -1.65 -17.55 4.91
N VAL A 68 -2.38 -17.36 6.00
CA VAL A 68 -2.05 -18.03 7.26
C VAL A 68 -3.29 -18.71 7.82
N GLN A 69 -3.07 -19.82 8.51
CA GLN A 69 -4.09 -20.41 9.36
C GLN A 69 -4.02 -19.74 10.72
N ALA A 70 -5.15 -19.20 11.18
CA ALA A 70 -5.17 -18.43 12.42
C ALA A 70 -6.31 -18.92 13.31
N VAL A 71 -6.19 -18.60 14.60
CA VAL A 71 -7.23 -18.85 15.58
C VAL A 71 -7.85 -17.52 15.96
N VAL A 72 -9.18 -17.45 15.90
CA VAL A 72 -9.92 -16.29 16.39
C VAL A 72 -10.06 -16.47 17.90
N LYS A 73 -9.43 -15.58 18.67
CA LYS A 73 -9.41 -15.77 20.12
C LYS A 73 -10.46 -14.94 20.85
N GLN A 74 -10.72 -13.72 20.42
CA GLN A 74 -11.83 -12.95 20.95
C GLN A 74 -12.16 -11.81 19.98
N ALA A 75 -13.40 -11.33 20.07
CA ALA A 75 -13.87 -10.25 19.22
C ALA A 75 -14.52 -9.17 20.08
N MET A 76 -14.32 -7.91 19.68
CA MET A 76 -14.86 -6.76 20.39
C MET A 76 -15.49 -5.81 19.39
N ARG A 77 -16.48 -5.05 19.87
CA ARG A 77 -17.08 -3.99 19.08
C ARG A 77 -16.55 -2.64 19.52
N LEU A 78 -16.56 -1.69 18.60
CA LEU A 78 -15.94 -0.38 18.70
C LEU A 78 -17.05 0.65 18.52
N PRO A 79 -16.80 1.98 18.62
CA PRO A 79 -17.93 2.92 18.49
C PRO A 79 -18.60 2.80 17.13
N ASP A 80 -17.79 2.56 16.12
CA ASP A 80 -18.18 2.04 14.83
C ASP A 80 -18.82 0.66 14.88
N GLY A 81 -19.39 0.25 13.73
CA GLY A 81 -19.96 -1.07 13.54
C GLY A 81 -18.92 -2.09 13.09
N THR A 82 -17.63 -1.78 13.20
CA THR A 82 -16.58 -2.73 12.87
C THR A 82 -16.28 -3.60 14.09
N LEU A 83 -15.69 -4.75 13.81
CA LEU A 83 -15.29 -5.74 14.80
C LEU A 83 -13.77 -5.74 14.89
N GLN A 84 -13.24 -5.48 16.08
CA GLN A 84 -11.83 -5.73 16.35
C GLN A 84 -11.70 -7.17 16.81
N VAL A 85 -10.95 -7.97 16.06
CA VAL A 85 -10.78 -9.39 16.32
C VAL A 85 -9.32 -9.67 16.58
N MET A 86 -9.04 -10.34 17.70
CA MET A 86 -7.69 -10.76 18.03
C MET A 86 -7.46 -12.14 17.40
N VAL A 87 -6.43 -12.23 16.56
CA VAL A 87 -6.14 -13.45 15.81
C VAL A 87 -4.74 -13.92 16.16
N GLU A 88 -4.58 -15.23 16.28
CA GLU A 88 -3.29 -15.87 16.52
C GLU A 88 -2.90 -16.63 15.25
N ALA A 89 -1.93 -16.09 14.51
CA ALA A 89 -1.46 -16.74 13.29
C ALA A 89 -0.58 -17.92 13.65
N ARG A 90 -0.96 -19.11 13.18
CA ARG A 90 -0.29 -20.35 13.55
C ARG A 90 0.67 -20.85 12.48
N ALA A 91 0.26 -20.85 11.21
CA ALA A 91 1.06 -21.51 10.19
C ALA A 91 0.70 -20.98 8.81
N ARG A 92 1.66 -21.10 7.88
CA ARG A 92 1.41 -20.76 6.49
C ARG A 92 0.39 -21.71 5.88
N ALA A 93 -0.44 -21.17 4.98
CA ALA A 93 -1.47 -21.96 4.33
C ALA A 93 -1.54 -21.59 2.85
N GLN A 94 -1.60 -22.61 1.99
CA GLN A 94 -1.85 -22.42 0.57
C GLN A 94 -3.35 -22.53 0.34
N VAL A 95 -3.99 -21.38 0.10
CA VAL A 95 -5.45 -21.30 0.08
C VAL A 95 -5.88 -21.30 -1.38
N THR A 96 -6.28 -22.48 -1.86
CA THR A 96 -6.54 -22.72 -3.28
C THR A 96 -8.03 -22.83 -3.60
N ASP A 97 -8.73 -23.76 -2.98
CA ASP A 97 -10.04 -24.20 -3.48
C ASP A 97 -11.15 -23.42 -2.77
N TYR A 98 -11.57 -22.33 -3.40
CA TYR A 98 -12.66 -21.52 -2.86
C TYR A 98 -14.01 -22.13 -3.20
N ILE A 99 -14.95 -22.00 -2.26
CA ILE A 99 -16.26 -22.65 -2.38
C ILE A 99 -17.32 -21.58 -2.61
N PRO A 100 -18.28 -21.80 -3.51
CA PRO A 100 -19.38 -20.85 -3.66
C PRO A 100 -20.16 -20.68 -2.36
N GLY A 101 -20.54 -19.44 -2.07
CA GLY A 101 -21.29 -19.14 -0.88
C GLY A 101 -21.45 -17.65 -0.66
N PRO A 102 -22.15 -17.27 0.42
CA PRO A 102 -22.38 -15.85 0.68
C PRO A 102 -21.14 -15.10 1.13
N TYR A 103 -20.07 -15.80 1.50
CA TYR A 103 -18.82 -15.16 1.87
C TYR A 103 -17.68 -16.10 1.47
N LEU A 104 -16.45 -15.63 1.67
CA LEU A 104 -15.28 -16.37 1.21
C LEU A 104 -15.03 -17.55 2.14
N ARG A 105 -15.06 -18.76 1.57
CA ARG A 105 -14.66 -19.98 2.26
C ARG A 105 -13.81 -20.81 1.32
N ALA A 106 -12.80 -21.47 1.86
CA ALA A 106 -11.89 -22.21 1.01
C ALA A 106 -11.26 -23.36 1.78
N ARG A 107 -10.84 -24.38 1.04
CA ARG A 107 -10.01 -25.45 1.56
C ARG A 107 -8.56 -25.16 1.22
N GLY A 108 -7.67 -25.31 2.20
CA GLY A 108 -6.27 -25.04 1.99
C GLY A 108 -5.42 -26.03 2.76
N GLU A 109 -4.16 -26.14 2.34
CA GLU A 109 -3.20 -27.00 3.00
C GLU A 109 -2.35 -26.17 3.94
N VAL A 110 -2.24 -26.63 5.19
CA VAL A 110 -1.48 -25.94 6.23
C VAL A 110 -0.14 -26.64 6.34
N PHE A 111 0.94 -25.86 6.33
CA PHE A 111 2.28 -26.38 6.13
C PHE A 111 3.13 -26.27 7.37
N SER A 112 3.82 -27.36 7.70
CA SER A 112 4.85 -27.36 8.73
C SER A 112 6.08 -26.58 8.25
N GLU A 113 6.86 -26.12 9.22
CA GLU A 113 8.14 -25.47 8.94
C GLU A 113 9.23 -26.52 8.94
N ILE A 114 9.97 -26.62 7.83
CA ILE A 114 11.02 -27.62 7.68
C ILE A 114 12.36 -26.95 7.95
N PHE A 115 13.11 -27.50 8.89
CA PHE A 115 14.42 -26.96 9.25
C PHE A 115 15.47 -27.53 8.30
N PRO A 116 16.35 -26.70 7.76
CA PRO A 116 17.34 -27.19 6.80
C PRO A 116 18.40 -28.04 7.48
N ILE A 117 19.09 -28.83 6.66
CA ILE A 117 20.21 -29.62 7.16
C ILE A 117 21.46 -28.77 7.31
N ASP A 118 21.56 -27.64 6.61
CA ASP A 118 22.68 -26.73 6.77
C ASP A 118 22.36 -25.77 7.92
N GLU A 119 22.46 -26.32 9.13
CA GLU A 119 22.13 -25.57 10.33
C GLU A 119 23.15 -24.49 10.65
N ALA A 120 24.39 -24.64 10.16
CA ALA A 120 25.45 -23.69 10.47
C ALA A 120 25.19 -22.33 9.83
N VAL A 121 24.82 -22.31 8.55
CA VAL A 121 24.53 -21.04 7.88
C VAL A 121 23.32 -20.37 8.53
N VAL A 122 22.30 -21.16 8.88
CA VAL A 122 21.11 -20.61 9.52
C VAL A 122 21.47 -19.92 10.82
N ARG A 123 22.35 -20.53 11.61
CA ARG A 123 22.74 -19.94 12.89
C ARG A 123 23.46 -18.61 12.68
N VAL A 124 24.30 -18.52 11.65
CA VAL A 124 24.95 -17.23 11.34
C VAL A 124 23.90 -16.22 10.88
N LEU A 125 22.97 -16.63 10.02
CA LEU A 125 21.93 -15.72 9.55
C LEU A 125 21.09 -15.18 10.70
N VAL A 126 20.79 -16.03 11.69
CA VAL A 126 20.02 -15.58 12.85
C VAL A 126 20.70 -14.42 13.54
N GLU A 127 22.01 -14.55 13.75
CA GLU A 127 22.76 -13.47 14.40
C GLU A 127 22.83 -12.24 13.52
N GLU A 128 22.89 -12.41 12.20
CA GLU A 128 22.89 -11.27 11.30
C GLU A 128 21.54 -10.58 11.25
N LEU A 129 20.47 -11.34 11.49
CA LEU A 129 19.13 -10.76 11.49
C LEU A 129 18.90 -9.90 12.73
N LYS A 130 19.29 -10.40 13.90
CA LYS A 130 19.11 -9.63 15.13
C LYS A 130 19.94 -8.35 15.10
N GLU A 131 21.16 -8.43 14.59
CA GLU A 131 22.01 -7.25 14.46
C GLU A 131 21.39 -6.24 13.50
N ALA A 132 20.99 -6.71 12.31
CA ALA A 132 20.39 -5.82 11.33
C ALA A 132 19.09 -5.21 11.82
N PHE A 133 18.28 -6.00 12.53
CA PHE A 133 17.00 -5.48 13.01
C PHE A 133 17.19 -4.40 14.07
N GLU A 134 18.13 -4.62 15.00
CA GLU A 134 18.42 -3.61 16.01
C GLU A 134 18.81 -2.28 15.37
N LYS A 135 19.60 -2.33 14.28
CA LYS A 135 19.98 -1.10 13.60
C LYS A 135 18.80 -0.53 12.81
N TYR A 136 17.98 -1.40 12.22
CA TYR A 136 16.76 -0.97 11.56
C TYR A 136 15.86 -0.19 12.50
N VAL A 137 15.61 -0.74 13.70
CA VAL A 137 14.80 -0.04 14.70
C VAL A 137 15.48 1.26 15.11
N ALA A 138 16.81 1.24 15.28
CA ALA A 138 17.53 2.42 15.72
C ALA A 138 17.52 3.52 14.66
N ASN A 139 17.49 3.15 13.38
CA ASN A 139 17.58 4.11 12.30
C ASN A 139 16.27 4.27 11.54
N HIS A 140 15.23 3.57 11.93
CA HIS A 140 13.92 3.85 11.36
C HIS A 140 13.38 5.15 11.94
N LYS A 141 12.45 5.74 11.20
CA LYS A 141 11.93 7.05 11.52
C LYS A 141 10.42 7.09 11.71
N SER A 142 9.68 6.15 11.12
CA SER A 142 8.22 6.11 11.24
C SER A 142 7.74 4.85 11.96
N LEU A 143 8.64 4.06 12.55
CA LEU A 143 8.31 2.72 13.01
C LEU A 143 7.71 2.75 14.41
N ARG A 144 6.56 2.06 14.58
CA ARG A 144 5.95 1.86 15.88
C ARG A 144 6.42 0.52 16.44
N LEU A 145 6.96 0.54 17.66
CA LEU A 145 7.40 -0.70 18.30
C LEU A 145 7.61 -0.45 19.77
N ASP A 146 7.05 -1.31 20.60
CA ASP A 146 7.21 -1.24 22.05
C ASP A 146 8.46 -2.00 22.48
N ARG A 147 8.98 -1.62 23.65
CA ARG A 147 10.21 -2.23 24.16
C ARG A 147 10.08 -3.74 24.29
N TYR A 148 8.95 -4.21 24.83
CA TYR A 148 8.76 -5.64 25.01
C TYR A 148 8.80 -6.38 23.68
N GLN A 149 8.31 -5.75 22.61
CA GLN A 149 8.39 -6.37 21.28
C GLN A 149 9.84 -6.45 20.82
N LEU A 150 10.63 -5.41 21.08
CA LEU A 150 12.03 -5.41 20.67
C LEU A 150 12.83 -6.47 21.43
N GLU A 151 12.54 -6.65 22.72
CA GLU A 151 13.26 -7.66 23.50
C GLU A 151 12.82 -9.07 23.13
N ALA A 152 11.57 -9.24 22.71
CA ALA A 152 11.12 -10.54 22.21
C ALA A 152 11.91 -10.97 20.97
N VAL A 153 12.09 -10.05 20.02
CA VAL A 153 12.87 -10.35 18.83
C VAL A 153 14.29 -10.75 19.20
N LYS A 154 14.93 -9.96 20.06
CA LYS A 154 16.31 -10.26 20.44
C LYS A 154 16.42 -11.55 21.23
N GLY A 155 15.35 -11.94 21.94
CA GLY A 155 15.31 -13.18 22.71
C GLY A 155 14.86 -14.40 21.94
N THR A 156 14.19 -14.20 20.80
CA THR A 156 13.85 -15.31 19.91
C THR A 156 15.13 -15.95 19.40
N SER A 157 15.24 -17.28 19.49
CA SER A 157 16.34 -17.96 18.80
C SER A 157 15.90 -18.96 17.75
N ASP A 158 14.62 -19.14 17.50
CA ASP A 158 14.28 -19.92 16.31
C ASP A 158 14.30 -19.02 15.09
N PRO A 159 14.97 -19.42 14.01
CA PRO A 159 15.04 -18.57 12.81
C PRO A 159 13.69 -18.32 12.16
N ALA A 160 12.84 -19.35 12.09
CA ALA A 160 11.56 -19.18 11.41
C ALA A 160 10.70 -18.14 12.11
N MET A 161 10.61 -18.21 13.44
CA MET A 161 9.88 -17.20 14.19
C MET A 161 10.55 -15.84 14.07
N LEU A 162 11.88 -15.81 14.09
CA LEU A 162 12.61 -14.54 14.02
C LEU A 162 12.34 -13.84 12.70
N ALA A 163 12.45 -14.57 11.59
CA ALA A 163 12.18 -13.99 10.28
C ALA A 163 10.74 -13.50 10.17
N ASP A 164 9.78 -14.31 10.62
CA ASP A 164 8.37 -13.96 10.48
C ASP A 164 8.01 -12.76 11.36
N THR A 165 8.55 -12.69 12.58
CA THR A 165 8.23 -11.57 13.46
C THR A 165 8.85 -10.27 12.96
N ILE A 166 10.10 -10.32 12.50
CA ILE A 166 10.74 -9.12 11.93
C ILE A 166 9.96 -8.62 10.73
N ALA A 167 9.54 -9.53 9.84
CA ALA A 167 8.79 -9.12 8.67
C ALA A 167 7.45 -8.50 9.05
N TYR A 168 6.84 -8.96 10.14
CA TYR A 168 5.60 -8.35 10.60
C TYR A 168 5.82 -6.92 11.09
N HIS A 169 6.89 -6.69 11.86
CA HIS A 169 7.12 -5.37 12.44
C HIS A 169 7.63 -4.37 11.40
N ALA A 170 8.41 -4.84 10.42
CA ALA A 170 8.99 -3.93 9.45
C ALA A 170 7.91 -3.29 8.58
N THR A 171 8.19 -2.08 8.10
CA THR A 171 7.24 -1.33 7.28
C THR A 171 7.49 -1.56 5.80
N TRP A 172 7.35 -2.82 5.40
CA TRP A 172 7.50 -3.22 4.01
C TRP A 172 6.13 -3.34 3.36
N THR A 173 6.11 -3.37 2.03
CA THR A 173 4.85 -3.44 1.31
C THR A 173 4.22 -4.82 1.48
N VAL A 174 2.94 -4.91 1.11
CA VAL A 174 2.25 -6.19 1.10
C VAL A 174 2.98 -7.18 0.22
N ALA A 175 3.38 -6.74 -0.99
CA ALA A 175 4.07 -7.63 -1.92
C ALA A 175 5.37 -8.15 -1.32
N GLU A 176 6.09 -7.31 -0.57
CA GLU A 176 7.35 -7.75 0.03
C GLU A 176 7.11 -8.74 1.16
N LYS A 177 6.14 -8.44 2.05
CA LYS A 177 5.82 -9.37 3.12
C LYS A 177 5.21 -10.67 2.58
N GLN A 178 4.39 -10.56 1.53
CA GLN A 178 3.81 -11.76 0.92
C GLN A 178 4.90 -12.71 0.43
N GLU A 179 6.02 -12.16 -0.07
CA GLU A 179 7.10 -13.01 -0.55
C GLU A 179 7.80 -13.73 0.60
N ILE A 180 7.91 -13.07 1.75
CA ILE A 180 8.42 -13.75 2.94
C ILE A 180 7.52 -14.92 3.31
N LEU A 181 6.21 -14.71 3.22
CA LEU A 181 5.25 -15.77 3.55
C LEU A 181 5.41 -16.96 2.62
N GLU A 182 5.71 -16.70 1.34
CA GLU A 182 5.74 -17.75 0.32
C GLU A 182 7.09 -18.43 0.19
N LEU A 183 8.11 -17.98 0.92
CA LEU A 183 9.42 -18.63 0.92
C LEU A 183 9.44 -19.69 2.01
N THR A 184 9.14 -20.93 1.63
CA THR A 184 9.15 -22.02 2.61
C THR A 184 10.57 -22.43 2.98
N ASP A 185 11.53 -22.27 2.07
CA ASP A 185 12.92 -22.58 2.40
C ASP A 185 13.43 -21.58 3.42
N LEU A 186 13.90 -22.09 4.56
CA LEU A 186 14.18 -21.23 5.71
C LEU A 186 15.36 -20.30 5.45
N GLU A 187 16.42 -20.81 4.83
CA GLU A 187 17.61 -19.98 4.61
C GLU A 187 17.37 -18.94 3.52
N ALA A 188 16.57 -19.29 2.51
CA ALA A 188 16.16 -18.28 1.53
C ALA A 188 15.28 -17.23 2.18
N ARG A 189 14.41 -17.65 3.10
CA ARG A 189 13.55 -16.70 3.81
C ARG A 189 14.38 -15.75 4.68
N LEU A 190 15.35 -16.31 5.42
CA LEU A 190 16.21 -15.47 6.25
C LEU A 190 17.03 -14.50 5.41
N LYS A 191 17.47 -14.94 4.23
CA LYS A 191 18.29 -14.06 3.38
C LYS A 191 17.47 -12.97 2.72
N LYS A 192 16.18 -13.23 2.48
CA LYS A 192 15.29 -12.20 1.95
C LYS A 192 15.01 -11.13 2.98
N VAL A 193 14.70 -11.55 4.21
CA VAL A 193 14.45 -10.59 5.29
C VAL A 193 15.69 -9.74 5.53
N LEU A 194 16.86 -10.37 5.52
CA LEU A 194 18.10 -9.65 5.75
C LEU A 194 18.39 -8.68 4.60
N GLY A 195 18.17 -9.14 3.36
CA GLY A 195 18.36 -8.24 2.22
C GLY A 195 17.46 -7.02 2.29
N LEU A 196 16.21 -7.21 2.70
CA LEU A 196 15.30 -6.07 2.82
C LEU A 196 15.72 -5.14 3.95
N LEU A 197 16.21 -5.70 5.06
CA LEU A 197 16.68 -4.87 6.16
C LEU A 197 17.91 -4.06 5.76
N SER A 198 18.89 -4.73 5.14
CA SER A 198 20.10 -4.04 4.70
C SER A 198 19.79 -2.98 3.66
N ARG A 199 18.88 -3.29 2.73
CA ARG A 199 18.45 -2.30 1.75
C ARG A 199 17.93 -1.03 2.41
N ASP A 200 17.06 -1.18 3.42
CA ASP A 200 16.51 -0.01 4.10
C ASP A 200 17.58 0.71 4.93
N LEU A 201 18.52 -0.04 5.50
CA LEU A 201 19.60 0.58 6.26
C LEU A 201 20.48 1.41 5.35
N GLU A 202 20.66 0.94 4.12
CA GLU A 202 21.49 1.68 3.17
C GLU A 202 20.84 3.03 2.90
N ARG A 203 19.53 2.97 2.66
CA ARG A 203 18.69 4.12 2.34
C ARG A 203 18.55 5.07 3.53
N PHE A 204 18.47 4.51 4.73
CA PHE A 204 18.43 5.35 5.93
C PHE A 204 19.73 6.12 6.10
N GLU A 205 20.86 5.46 5.88
CA GLU A 205 22.15 6.10 6.09
C GLU A 205 22.39 7.25 5.13
N LEU A 206 21.92 7.13 3.89
CA LEU A 206 21.90 8.27 2.97
C LEU A 206 20.85 9.27 3.42
N ASP A 207 21.22 10.13 4.37
CA ASP A 207 20.41 11.19 5.03
C ASP A 207 20.45 10.91 6.53
N HIS B 1 -4.07 30.87 -8.66
CA HIS B 1 -3.71 30.96 -7.24
C HIS B 1 -4.93 31.39 -6.44
N MET B 2 -5.87 30.47 -6.26
CA MET B 2 -7.18 30.76 -5.71
C MET B 2 -7.51 29.78 -4.58
N ARG B 3 -8.49 30.15 -3.77
CA ARG B 3 -8.99 29.32 -2.68
C ARG B 3 -10.45 28.97 -2.97
N LEU B 4 -10.75 27.67 -2.96
CA LEU B 4 -12.05 27.16 -3.39
C LEU B 4 -12.62 26.20 -2.37
N GLU B 5 -13.96 26.17 -2.30
CA GLU B 5 -14.70 25.22 -1.46
C GLU B 5 -15.33 24.17 -2.37
N LEU B 6 -14.81 22.95 -2.30
CA LEU B 6 -15.18 21.86 -3.18
C LEU B 6 -15.41 20.60 -2.37
N PRO B 7 -16.20 19.65 -2.88
CA PRO B 7 -16.25 18.33 -2.26
C PRO B 7 -14.91 17.63 -2.41
N VAL B 8 -14.64 16.70 -1.49
CA VAL B 8 -13.36 16.01 -1.42
C VAL B 8 -13.61 14.51 -1.55
N ILE B 9 -12.84 13.86 -2.41
CA ILE B 9 -12.85 12.41 -2.58
C ILE B 9 -11.60 11.84 -1.93
N PRO B 10 -11.72 11.01 -0.90
CA PRO B 10 -10.54 10.33 -0.37
C PRO B 10 -10.16 9.14 -1.24
N LEU B 11 -8.86 8.97 -1.46
CA LEU B 11 -8.32 7.85 -2.22
C LEU B 11 -7.60 6.91 -1.28
N ARG B 12 -8.01 5.64 -1.29
CA ARG B 12 -7.47 4.67 -0.35
C ARG B 12 -5.98 4.45 -0.55
N ASN B 13 -5.56 4.19 -1.79
CA ASN B 13 -4.21 3.74 -2.09
C ASN B 13 -3.72 4.34 -3.39
N THR B 14 -4.09 5.58 -3.66
CA THR B 14 -3.73 6.23 -4.92
C THR B 14 -3.37 7.69 -4.66
N VAL B 15 -2.33 8.16 -5.32
CA VAL B 15 -1.98 9.58 -5.36
C VAL B 15 -2.17 10.05 -6.79
N ILE B 16 -3.02 11.04 -6.98
CA ILE B 16 -3.25 11.64 -8.29
C ILE B 16 -2.40 12.90 -8.40
N LEU B 17 -1.65 12.99 -9.49
CA LEU B 17 -0.82 14.17 -9.77
C LEU B 17 -1.36 14.91 -10.98
N PRO B 18 -1.07 16.22 -11.08
CA PRO B 18 -1.52 16.99 -12.24
C PRO B 18 -1.03 16.41 -13.55
N HIS B 19 -1.71 16.79 -14.64
CA HIS B 19 -1.44 16.37 -16.01
C HIS B 19 -1.85 14.92 -16.26
N THR B 20 -2.67 14.35 -15.39
CA THR B 20 -3.14 12.97 -15.53
C THR B 20 -4.66 12.93 -15.63
N THR B 21 -5.16 12.11 -16.54
CA THR B 21 -6.58 11.78 -16.61
C THR B 21 -6.71 10.30 -16.30
N THR B 22 -7.46 9.97 -15.26
CA THR B 22 -7.45 8.63 -14.67
C THR B 22 -8.86 8.23 -14.25
N PRO B 23 -9.18 6.95 -14.32
CA PRO B 23 -10.44 6.48 -13.73
C PRO B 23 -10.31 6.27 -12.24
N VAL B 24 -11.33 6.71 -11.51
CA VAL B 24 -11.42 6.53 -10.06
C VAL B 24 -12.67 5.73 -9.76
N ASP B 25 -12.48 4.54 -9.20
CA ASP B 25 -13.61 3.74 -8.74
C ASP B 25 -14.08 4.26 -7.39
N VAL B 26 -15.38 4.52 -7.27
CA VAL B 26 -15.96 5.21 -6.13
C VAL B 26 -17.02 4.28 -5.53
N GLY B 27 -16.69 3.66 -4.41
CA GLY B 27 -17.59 2.70 -3.78
C GLY B 27 -18.34 3.25 -2.59
N ARG B 28 -17.70 4.13 -1.83
CA ARG B 28 -18.27 4.60 -0.57
C ARG B 28 -19.34 5.66 -0.81
N ALA B 29 -20.38 5.63 0.03
CA ALA B 29 -21.53 6.51 -0.16
C ALA B 29 -21.13 7.98 -0.09
N LYS B 30 -20.27 8.34 0.86
CA LYS B 30 -19.85 9.73 0.97
C LYS B 30 -19.03 10.15 -0.24
N SER B 31 -18.21 9.24 -0.76
CA SER B 31 -17.49 9.52 -1.99
C SER B 31 -18.45 9.68 -3.16
N LYS B 32 -19.51 8.85 -3.21
CA LYS B 32 -20.49 8.98 -4.28
C LYS B 32 -21.23 10.30 -4.21
N ARG B 33 -21.61 10.73 -3.01
CA ARG B 33 -22.33 11.99 -2.86
C ARG B 33 -21.45 13.19 -3.17
N ALA B 34 -20.15 13.08 -2.89
CA ALA B 34 -19.24 14.18 -3.21
C ALA B 34 -19.11 14.33 -4.73
N VAL B 35 -19.12 13.21 -5.46
CA VAL B 35 -18.99 13.27 -6.91
C VAL B 35 -20.21 13.95 -7.54
N GLU B 36 -21.41 13.63 -7.06
CA GLU B 36 -22.62 14.14 -7.71
C GLU B 36 -22.84 15.61 -7.42
N GLU B 37 -22.40 16.10 -6.25
CA GLU B 37 -22.41 17.54 -6.03
C GLU B 37 -21.56 18.24 -7.08
N ALA B 38 -20.39 17.67 -7.37
CA ALA B 38 -19.54 18.22 -8.43
C ALA B 38 -20.26 18.17 -9.77
N MET B 39 -20.88 17.03 -10.09
CA MET B 39 -21.52 16.89 -11.40
C MET B 39 -22.72 17.80 -11.55
N GLY B 40 -23.40 18.13 -10.45
CA GLY B 40 -24.49 19.07 -10.48
C GLY B 40 -24.08 20.53 -10.46
N ALA B 41 -22.78 20.82 -10.31
CA ALA B 41 -22.30 22.17 -10.20
C ALA B 41 -21.26 22.39 -11.29
N ASP B 42 -20.04 22.81 -10.94
CA ASP B 42 -19.01 23.15 -11.90
C ASP B 42 -18.08 21.99 -12.22
N ARG B 43 -18.39 20.78 -11.73
CA ARG B 43 -17.61 19.57 -11.94
C ARG B 43 -16.21 19.63 -11.36
N LEU B 44 -15.94 20.59 -10.48
CA LEU B 44 -14.65 20.66 -9.80
C LEU B 44 -14.70 19.88 -8.49
N ILE B 45 -13.57 19.27 -8.15
CA ILE B 45 -13.51 18.37 -6.99
C ILE B 45 -12.07 18.30 -6.51
N PHE B 46 -11.89 18.05 -5.22
CA PHE B 46 -10.59 17.78 -4.63
C PHE B 46 -10.41 16.28 -4.47
N LEU B 47 -9.22 15.79 -4.83
CA LEU B 47 -8.84 14.40 -4.62
C LEU B 47 -7.64 14.36 -3.67
N VAL B 48 -7.78 13.62 -2.59
CA VAL B 48 -6.78 13.58 -1.52
C VAL B 48 -6.55 12.13 -1.12
N ALA B 49 -5.28 11.73 -1.07
CA ALA B 49 -4.91 10.37 -0.70
C ALA B 49 -5.06 10.17 0.81
N GLN B 50 -5.50 8.98 1.19
CA GLN B 50 -5.53 8.60 2.59
C GLN B 50 -4.13 8.25 3.07
N ARG B 51 -3.87 8.49 4.36
CA ARG B 51 -2.61 8.06 4.94
C ARG B 51 -2.60 6.55 5.16
N ASP B 52 -3.76 5.96 5.41
CA ASP B 52 -3.89 4.53 5.68
C ASP B 52 -4.97 3.97 4.78
N PRO B 53 -4.64 3.07 3.85
CA PRO B 53 -5.67 2.54 2.93
C PRO B 53 -6.81 1.81 3.63
N GLU B 54 -6.59 1.29 4.83
CA GLU B 54 -7.60 0.49 5.50
C GLU B 54 -8.68 1.31 6.19
N VAL B 55 -8.49 2.62 6.33
CA VAL B 55 -9.49 3.47 6.99
C VAL B 55 -10.71 3.59 6.09
N ASP B 56 -11.88 3.20 6.61
CA ASP B 56 -13.09 3.16 5.81
C ASP B 56 -13.78 4.52 5.74
N ASP B 57 -13.77 5.28 6.82
CA ASP B 57 -14.46 6.57 6.90
C ASP B 57 -13.46 7.61 7.38
N PRO B 58 -12.63 8.13 6.47
CA PRO B 58 -11.53 9.00 6.90
C PRO B 58 -12.01 10.34 7.42
N ALA B 59 -11.41 10.76 8.53
CA ALA B 59 -11.51 12.13 9.00
C ALA B 59 -10.41 12.97 8.36
N PRO B 60 -10.46 14.29 8.50
CA PRO B 60 -9.36 15.13 7.98
C PRO B 60 -7.97 14.64 8.39
N ASP B 61 -7.80 14.20 9.65
CA ASP B 61 -6.51 13.70 10.10
C ASP B 61 -6.09 12.42 9.39
N ASP B 62 -7.04 11.65 8.87
CA ASP B 62 -6.72 10.44 8.12
C ASP B 62 -6.23 10.74 6.71
N LEU B 63 -6.29 11.99 6.27
CA LEU B 63 -5.94 12.38 4.92
C LEU B 63 -4.67 13.21 4.93
N TYR B 64 -3.91 13.11 3.84
CA TYR B 64 -2.81 14.04 3.62
C TYR B 64 -3.34 15.45 3.42
N THR B 65 -2.48 16.43 3.65
CA THR B 65 -2.90 17.82 3.50
C THR B 65 -3.02 18.24 2.04
N TRP B 66 -2.11 17.75 1.20
CA TRP B 66 -2.06 18.15 -0.19
C TRP B 66 -2.77 17.14 -1.09
N GLY B 67 -3.55 17.66 -2.04
CA GLY B 67 -4.19 16.83 -3.03
C GLY B 67 -4.16 17.53 -4.39
N VAL B 68 -5.14 17.26 -5.23
CA VAL B 68 -5.25 17.93 -6.52
C VAL B 68 -6.67 18.44 -6.71
N GLN B 69 -6.78 19.56 -7.41
CA GLN B 69 -8.05 20.01 -7.96
C GLN B 69 -8.26 19.34 -9.31
N ALA B 70 -9.39 18.67 -9.47
CA ALA B 70 -9.66 17.90 -10.67
C ALA B 70 -11.04 18.26 -11.22
N VAL B 71 -11.24 17.94 -12.50
CA VAL B 71 -12.52 18.08 -13.17
C VAL B 71 -13.10 16.68 -13.35
N VAL B 72 -14.36 16.51 -12.96
CA VAL B 72 -15.08 15.26 -13.17
C VAL B 72 -15.54 15.22 -14.63
N LYS B 73 -15.02 14.25 -15.38
CA LYS B 73 -15.26 14.18 -16.81
C LYS B 73 -16.39 13.24 -17.20
N GLN B 74 -16.52 12.10 -16.53
CA GLN B 74 -17.61 11.19 -16.79
C GLN B 74 -17.77 10.26 -15.60
N ALA B 75 -18.97 9.73 -15.43
CA ALA B 75 -19.30 8.81 -14.36
C ALA B 75 -20.02 7.59 -14.93
N MET B 76 -19.57 6.41 -14.55
CA MET B 76 -20.14 5.15 -15.04
C MET B 76 -20.72 4.37 -13.87
N ARG B 77 -22.04 4.44 -13.72
CA ARG B 77 -22.72 3.56 -12.77
C ARG B 77 -22.49 2.11 -13.17
N LEU B 78 -21.85 1.35 -12.28
CA LEU B 78 -21.51 -0.03 -12.57
C LEU B 78 -22.54 -0.96 -11.96
N PRO B 79 -22.53 -2.25 -12.34
CA PRO B 79 -23.59 -3.14 -11.84
C PRO B 79 -23.53 -3.40 -10.35
N ASP B 80 -22.33 -3.55 -9.79
CA ASP B 80 -22.11 -3.68 -8.36
C ASP B 80 -22.42 -2.42 -7.54
N GLY B 81 -23.10 -1.41 -8.10
CA GLY B 81 -23.43 -0.21 -7.37
C GLY B 81 -22.29 0.74 -7.14
N THR B 82 -21.15 0.52 -7.80
CA THR B 82 -20.01 1.43 -7.73
C THR B 82 -20.11 2.49 -8.83
N LEU B 83 -19.41 3.60 -8.62
CA LEU B 83 -19.28 4.68 -9.59
C LEU B 83 -17.85 4.68 -10.10
N GLN B 84 -17.67 4.42 -11.38
CA GLN B 84 -16.39 4.67 -12.04
C GLN B 84 -16.40 6.10 -12.56
N VAL B 85 -15.48 6.92 -12.08
CA VAL B 85 -15.44 8.33 -12.42
C VAL B 85 -14.11 8.63 -13.09
N MET B 86 -14.18 9.22 -14.28
CA MET B 86 -12.99 9.69 -14.99
C MET B 86 -12.71 11.13 -14.57
N VAL B 87 -11.52 11.38 -14.03
CA VAL B 87 -11.15 12.68 -13.51
C VAL B 87 -9.87 13.15 -14.20
N GLU B 88 -9.81 14.46 -14.49
CA GLU B 88 -8.60 15.08 -15.01
C GLU B 88 -8.04 16.01 -13.94
N ALA B 89 -6.94 15.60 -13.33
CA ALA B 89 -6.28 16.44 -12.32
C ALA B 89 -5.50 17.54 -13.03
N ARG B 90 -5.67 18.78 -12.57
CA ARG B 90 -5.08 19.92 -13.25
C ARG B 90 -4.15 20.78 -12.40
N ALA B 91 -4.19 20.66 -11.08
CA ALA B 91 -3.28 21.47 -10.27
C ALA B 91 -3.19 20.92 -8.86
N ARG B 92 -2.03 21.17 -8.23
CA ARG B 92 -1.84 20.83 -6.83
C ARG B 92 -2.72 21.72 -5.95
N ALA B 93 -3.22 21.14 -4.86
CA ALA B 93 -4.08 21.88 -3.95
C ALA B 93 -3.71 21.54 -2.51
N GLN B 94 -3.60 22.57 -1.67
CA GLN B 94 -3.44 22.40 -0.23
C GLN B 94 -4.83 22.45 0.39
N VAL B 95 -5.33 21.29 0.81
CA VAL B 95 -6.71 21.13 1.25
C VAL B 95 -6.71 21.20 2.77
N THR B 96 -7.06 22.37 3.31
CA THR B 96 -6.83 22.68 4.71
C THR B 96 -8.08 22.58 5.58
N ASP B 97 -9.07 23.42 5.32
CA ASP B 97 -10.17 23.68 6.26
C ASP B 97 -11.40 22.89 5.84
N TYR B 98 -11.60 21.72 6.44
CA TYR B 98 -12.76 20.90 6.16
C TYR B 98 -14.01 21.45 6.84
N ILE B 99 -15.15 21.28 6.17
CA ILE B 99 -16.40 21.91 6.56
C ILE B 99 -17.35 20.86 7.12
N PRO B 100 -18.10 21.17 8.19
CA PRO B 100 -19.10 20.22 8.68
C PRO B 100 -20.13 19.89 7.60
N GLY B 101 -20.48 18.61 7.53
CA GLY B 101 -21.46 18.15 6.58
C GLY B 101 -21.54 16.64 6.51
N PRO B 102 -22.48 16.13 5.70
CA PRO B 102 -22.65 14.67 5.60
C PRO B 102 -21.53 13.97 4.83
N TYR B 103 -20.68 14.70 4.12
CA TYR B 103 -19.56 14.11 3.44
C TYR B 103 -18.42 15.13 3.44
N LEU B 104 -17.27 14.73 2.89
CA LEU B 104 -16.09 15.56 2.97
C LEU B 104 -16.20 16.75 2.02
N ARG B 105 -16.14 17.95 2.58
CA ARG B 105 -16.04 19.20 1.84
C ARG B 105 -15.00 20.06 2.53
N ALA B 106 -14.21 20.79 1.74
CA ALA B 106 -13.12 21.55 2.33
C ALA B 106 -12.79 22.74 1.45
N ARG B 107 -12.21 23.76 2.07
CA ARG B 107 -11.62 24.87 1.35
C ARG B 107 -10.11 24.65 1.23
N GLY B 108 -9.59 24.84 0.02
CA GLY B 108 -8.18 24.66 -0.22
C GLY B 108 -7.69 25.67 -1.23
N GLU B 109 -6.37 25.89 -1.20
CA GLU B 109 -5.72 26.81 -2.12
C GLU B 109 -5.11 26.02 -3.27
N VAL B 110 -5.39 26.44 -4.49
CA VAL B 110 -4.93 25.78 -5.70
C VAL B 110 -3.73 26.54 -6.24
N PHE B 111 -2.65 25.85 -6.52
CA PHE B 111 -1.39 26.48 -6.87
C PHE B 111 -1.07 26.17 -8.34
N SER B 112 -0.86 27.21 -9.12
CA SER B 112 -0.33 27.08 -10.47
C SER B 112 1.17 26.77 -10.42
N GLU B 113 1.67 26.18 -11.51
CA GLU B 113 3.08 25.84 -11.62
C GLU B 113 3.87 26.99 -12.21
N ILE B 114 4.79 27.55 -11.42
CA ILE B 114 5.86 28.41 -11.93
C ILE B 114 7.12 28.12 -11.14
N PRO B 116 9.83 27.87 -14.47
CA PRO B 116 11.15 27.25 -14.57
C PRO B 116 12.25 28.11 -13.94
N ILE B 117 12.83 27.60 -12.86
CA ILE B 117 13.78 28.33 -12.01
C ILE B 117 15.12 28.49 -12.72
N ASP B 118 16.16 27.85 -12.17
CA ASP B 118 17.48 27.84 -12.77
C ASP B 118 17.46 26.90 -13.98
N GLU B 119 17.20 27.45 -15.16
CA GLU B 119 16.97 26.65 -16.36
C GLU B 119 18.18 25.76 -16.71
N ALA B 120 19.37 26.12 -16.23
CA ALA B 120 20.54 25.28 -16.53
C ALA B 120 20.47 23.94 -15.81
N VAL B 121 20.23 23.96 -14.50
CA VAL B 121 20.10 22.70 -13.75
C VAL B 121 18.86 21.94 -14.17
N VAL B 122 17.75 22.65 -14.39
CA VAL B 122 16.49 21.99 -14.78
C VAL B 122 16.68 21.20 -16.07
N ARG B 123 17.36 21.81 -17.05
CA ARG B 123 17.58 21.11 -18.31
C ARG B 123 18.42 19.86 -18.10
N VAL B 124 19.48 19.96 -17.29
CA VAL B 124 20.26 18.77 -16.99
C VAL B 124 19.37 17.71 -16.36
N LEU B 125 18.58 18.10 -15.35
CA LEU B 125 17.71 17.14 -14.68
C LEU B 125 16.71 16.51 -15.65
N VAL B 126 16.18 17.30 -16.59
CA VAL B 126 15.21 16.79 -17.56
C VAL B 126 15.82 15.68 -18.43
N GLU B 127 17.03 15.92 -18.96
CA GLU B 127 17.70 14.94 -19.81
C GLU B 127 18.08 13.70 -19.01
N GLU B 128 18.50 13.92 -17.76
CA GLU B 128 18.88 12.81 -16.86
C GLU B 128 17.64 12.01 -16.49
N LEU B 129 16.49 12.69 -16.39
CA LEU B 129 15.22 12.03 -16.06
C LEU B 129 14.72 11.16 -17.21
N LYS B 130 14.77 11.68 -18.43
CA LYS B 130 14.29 10.90 -19.57
C LYS B 130 15.11 9.64 -19.75
N GLU B 131 16.43 9.75 -19.57
CA GLU B 131 17.29 8.58 -19.68
C GLU B 131 16.99 7.57 -18.57
N ALA B 132 16.91 8.04 -17.33
CA ALA B 132 16.64 7.14 -16.20
C ALA B 132 15.28 6.47 -16.35
N PHE B 133 14.28 7.20 -16.85
CA PHE B 133 12.95 6.62 -16.99
C PHE B 133 12.93 5.53 -18.05
N GLU B 134 13.60 5.78 -19.18
CA GLU B 134 13.69 4.76 -20.22
C GLU B 134 14.26 3.45 -19.69
N LYS B 135 15.29 3.53 -18.87
CA LYS B 135 15.88 2.33 -18.29
C LYS B 135 15.03 1.77 -17.16
N TYR B 136 14.41 2.64 -16.36
CA TYR B 136 13.46 2.20 -15.36
C TYR B 136 12.35 1.39 -16.01
N VAL B 137 11.79 1.89 -17.11
CA VAL B 137 10.80 1.14 -17.86
C VAL B 137 11.41 -0.14 -18.40
N ALA B 138 12.66 -0.08 -18.86
CA ALA B 138 13.29 -1.26 -19.42
C ALA B 138 13.63 -2.31 -18.37
N ASN B 139 13.98 -1.90 -17.15
CA ASN B 139 14.54 -2.80 -16.15
C ASN B 139 13.65 -3.04 -14.93
N HIS B 140 12.38 -2.61 -14.97
CA HIS B 140 11.40 -2.96 -13.96
C HIS B 140 11.09 -4.46 -14.16
N LYS B 141 9.89 -4.94 -13.84
CA LYS B 141 9.55 -6.29 -14.31
C LYS B 141 8.05 -6.47 -14.15
N SER B 142 7.40 -5.38 -13.78
CA SER B 142 6.02 -5.39 -13.27
C SER B 142 5.16 -4.35 -13.94
N LEU B 143 5.78 -3.43 -14.66
CA LEU B 143 5.14 -2.19 -15.05
C LEU B 143 4.49 -2.34 -16.41
N ARG B 144 3.32 -1.72 -16.56
CA ARG B 144 2.57 -1.72 -17.82
C ARG B 144 2.47 -0.29 -18.34
N LEU B 145 3.27 0.00 -19.36
CA LEU B 145 3.27 1.29 -20.05
C LEU B 145 3.07 1.05 -21.53
N ASP B 146 2.16 1.79 -22.14
CA ASP B 146 1.93 1.68 -23.58
C ASP B 146 2.92 2.57 -24.33
N ARG B 147 3.15 2.21 -25.60
CA ARG B 147 4.15 2.92 -26.39
C ARG B 147 3.87 4.42 -26.46
N TYR B 148 2.61 4.80 -26.68
CA TYR B 148 2.29 6.22 -26.78
C TYR B 148 2.62 6.97 -25.50
N GLN B 149 2.49 6.30 -24.34
CA GLN B 149 2.82 6.95 -23.08
C GLN B 149 4.30 7.23 -22.93
N LEU B 150 5.16 6.27 -23.30
CA LEU B 150 6.60 6.48 -23.15
C LEU B 150 7.12 7.53 -24.13
N GLU B 151 6.58 7.54 -25.37
CA GLU B 151 7.01 8.57 -26.32
C GLU B 151 6.50 9.94 -25.90
N ALA B 152 5.35 9.98 -25.20
CA ALA B 152 4.91 11.23 -24.61
C ALA B 152 5.92 11.73 -23.59
N VAL B 153 6.43 10.82 -22.76
CA VAL B 153 7.47 11.17 -21.80
C VAL B 153 8.70 11.72 -22.52
N LYS B 154 9.14 11.01 -23.57
CA LYS B 154 10.36 11.40 -24.28
C LYS B 154 10.21 12.71 -25.03
N GLY B 155 9.01 13.04 -25.47
CA GLY B 155 8.82 14.28 -26.20
C GLY B 155 8.47 15.47 -25.32
N THR B 156 8.03 15.22 -24.09
CA THR B 156 7.66 16.32 -23.22
C THR B 156 8.93 17.12 -22.90
N SER B 157 8.89 18.44 -23.07
CA SER B 157 10.00 19.27 -22.60
C SER B 157 9.60 20.21 -21.48
N ASP B 158 8.37 20.13 -21.00
CA ASP B 158 7.98 20.85 -19.79
C ASP B 158 8.48 20.07 -18.58
N PRO B 159 9.25 20.67 -17.67
CA PRO B 159 9.76 19.88 -16.52
C PRO B 159 8.66 19.43 -15.58
N ALA B 160 7.69 20.30 -15.29
CA ALA B 160 6.63 19.96 -14.35
C ALA B 160 5.80 18.79 -14.85
N MET B 161 5.43 18.80 -16.13
CA MET B 161 4.67 17.68 -16.69
C MET B 161 5.49 16.40 -16.67
N LEU B 162 6.80 16.50 -16.95
CA LEU B 162 7.65 15.33 -16.99
C LEU B 162 7.76 14.65 -15.63
N ALA B 163 8.02 15.44 -14.59
CA ALA B 163 8.13 14.88 -13.24
C ALA B 163 6.82 14.23 -12.80
N ASP B 164 5.69 14.93 -13.01
CA ASP B 164 4.40 14.42 -12.55
C ASP B 164 3.99 13.16 -13.33
N THR B 165 4.27 13.12 -14.62
CA THR B 165 3.89 11.96 -15.42
C THR B 165 4.70 10.73 -15.04
N ILE B 166 6.01 10.90 -14.84
CA ILE B 166 6.85 9.79 -14.40
C ILE B 166 6.38 9.26 -13.05
N ALA B 167 6.09 10.16 -12.11
CA ALA B 167 5.62 9.74 -10.80
C ALA B 167 4.29 8.99 -10.90
N TYR B 168 3.44 9.37 -11.86
CA TYR B 168 2.19 8.65 -12.07
C TYR B 168 2.45 7.23 -12.54
N HIS B 169 3.38 7.06 -13.49
CA HIS B 169 3.65 5.75 -14.06
C HIS B 169 4.42 4.85 -13.11
N ALA B 170 5.32 5.41 -12.31
CA ALA B 170 6.17 4.59 -11.45
C ALA B 170 5.34 3.88 -10.38
N THR B 171 5.83 2.72 -9.96
CA THR B 171 5.15 1.91 -8.96
C THR B 171 5.73 2.19 -7.57
N TRP B 172 5.60 3.44 -7.15
CA TRP B 172 6.03 3.88 -5.83
C TRP B 172 4.84 3.91 -4.88
N THR B 173 5.16 3.96 -3.58
CA THR B 173 4.11 3.95 -2.57
C THR B 173 3.36 5.29 -2.57
N VAL B 174 2.22 5.30 -1.87
CA VAL B 174 1.47 6.54 -1.69
C VAL B 174 2.35 7.60 -1.02
N ALA B 175 3.06 7.22 0.03
CA ALA B 175 3.90 8.16 0.75
C ALA B 175 4.98 8.76 -0.15
N GLU B 176 5.53 7.94 -1.05
CA GLU B 176 6.58 8.44 -1.95
C GLU B 176 5.99 9.37 -3.00
N LYS B 177 4.87 8.98 -3.61
CA LYS B 177 4.21 9.84 -4.58
C LYS B 177 3.66 11.10 -3.91
N GLN B 178 3.15 10.98 -2.69
CA GLN B 178 2.68 12.15 -1.95
C GLN B 178 3.80 13.17 -1.78
N GLU B 179 5.04 12.71 -1.64
CA GLU B 179 6.17 13.60 -1.48
C GLU B 179 6.45 14.37 -2.78
N ILE B 180 6.27 13.70 -3.92
CA ILE B 180 6.36 14.39 -5.21
C ILE B 180 5.29 15.46 -5.30
N LEU B 181 4.07 15.13 -4.86
CA LEU B 181 2.97 16.10 -4.92
C LEU B 181 3.25 17.32 -4.06
N GLU B 182 3.91 17.13 -2.91
CA GLU B 182 4.11 18.21 -1.95
C GLU B 182 5.37 19.01 -2.19
N LEU B 183 6.19 18.64 -3.18
CA LEU B 183 7.37 19.42 -3.53
C LEU B 183 6.97 20.43 -4.60
N THR B 184 6.61 21.64 -4.16
CA THR B 184 6.20 22.67 -5.11
C THR B 184 7.37 23.26 -5.87
N ASP B 185 8.54 23.37 -5.24
CA ASP B 185 9.68 23.89 -5.97
C ASP B 185 10.13 22.86 -6.99
N LEU B 186 10.25 23.31 -8.24
CA LEU B 186 10.39 22.41 -9.37
C LEU B 186 11.71 21.65 -9.34
N GLU B 187 12.81 22.32 -8.97
CA GLU B 187 14.08 21.60 -9.01
C GLU B 187 14.14 20.54 -7.93
N ALA B 188 13.59 20.82 -6.75
CA ALA B 188 13.56 19.80 -5.71
C ALA B 188 12.69 18.61 -6.12
N ARG B 189 11.60 18.89 -6.84
CA ARG B 189 10.74 17.79 -7.31
C ARG B 189 11.47 16.92 -8.33
N LEU B 190 12.16 17.54 -9.29
CA LEU B 190 12.89 16.78 -10.29
C LEU B 190 14.00 15.96 -9.66
N LYS B 191 14.65 16.48 -8.62
CA LYS B 191 15.75 15.79 -7.97
C LYS B 191 15.22 14.63 -7.12
N LYS B 192 13.99 14.75 -6.61
CA LYS B 192 13.37 13.64 -5.89
C LYS B 192 12.97 12.52 -6.84
N VAL B 193 12.32 12.87 -7.95
CA VAL B 193 11.91 11.84 -8.92
C VAL B 193 13.13 11.10 -9.45
N LEU B 194 14.21 11.83 -9.74
CA LEU B 194 15.42 11.19 -10.26
C LEU B 194 16.06 10.29 -9.22
N GLY B 195 16.12 10.75 -7.97
CA GLY B 195 16.66 9.92 -6.91
C GLY B 195 15.89 8.63 -6.73
N LEU B 196 14.56 8.69 -6.82
CA LEU B 196 13.75 7.49 -6.68
C LEU B 196 13.95 6.53 -7.84
N LEU B 197 14.08 7.06 -9.06
CA LEU B 197 14.34 6.21 -10.21
C LEU B 197 15.71 5.56 -10.13
N SER B 198 16.74 6.36 -9.79
CA SER B 198 18.08 5.81 -9.64
C SER B 198 18.13 4.78 -8.53
N ARG B 199 17.45 5.05 -7.42
CA ARG B 199 17.35 4.07 -6.34
C ARG B 199 16.81 2.74 -6.84
N ASP B 200 15.71 2.79 -7.60
CA ASP B 200 15.13 1.56 -8.13
C ASP B 200 16.03 0.89 -9.15
N LEU B 201 16.79 1.66 -9.92
CA LEU B 201 17.67 1.07 -10.93
C LEU B 201 18.78 0.25 -10.30
N GLU B 202 19.30 0.71 -9.16
CA GLU B 202 20.31 -0.06 -8.43
C GLU B 202 19.74 -1.40 -7.97
N ARG B 203 18.53 -1.39 -7.43
CA ARG B 203 17.92 -2.62 -6.93
C ARG B 203 17.55 -3.60 -8.04
N PHE B 204 17.14 -3.09 -9.20
CA PHE B 204 16.78 -3.98 -10.30
C PHE B 204 17.98 -4.77 -10.79
N GLU B 205 19.11 -4.09 -11.03
CA GLU B 205 20.33 -4.77 -11.45
C GLU B 205 20.92 -5.62 -10.34
N LEU B 206 20.53 -5.38 -9.08
CA LEU B 206 20.95 -6.24 -7.97
C LEU B 206 20.56 -7.70 -8.19
N ASP B 207 19.66 -7.97 -9.12
CA ASP B 207 19.30 -9.34 -9.49
C ASP B 207 19.30 -9.49 -11.01
#